data_4JLE
#
_entry.id   4JLE
#
_cell.length_a   71.030
_cell.length_b   71.030
_cell.length_c   146.400
_cell.angle_alpha   90.00
_cell.angle_beta   90.00
_cell.angle_gamma   120.00
#
_symmetry.space_group_name_H-M   'P 31 2 1'
#
loop_
_entity.id
_entity.type
_entity.pdbx_description
1 polymer PHIST
2 non-polymer 'CHLORIDE ION'
3 non-polymer 'ACETATE ION'
4 water water
#
_entity_poly.entity_id   1
_entity_poly.type   'polypeptide(L)'
_entity_poly.pdbx_seq_one_letter_code
;GPLGSSLSDEINKCDMKKYTAEEINEMINSSNEFINRNDMNIIFSYVHESEREKFKKVEENIFKFIQSIVETYKIPDEYK
MRKFKFAHFEMQGYALKQEKFLLEYAFLSLNGKLCERKKFKEVLEYVKREWIEFRKSMFDVWKEKLASEFREHGEMLNQK
RKLKQHEL
;
_entity_poly.pdbx_strand_id   A,B
#
loop_
_chem_comp.id
_chem_comp.type
_chem_comp.name
_chem_comp.formula
ACT non-polymer 'ACETATE ION' 'C2 H3 O2 -1'
CL non-polymer 'CHLORIDE ION' 'Cl -1'
#
# COMPACT_ATOMS: atom_id res chain seq x y z
N TYR A 19 9.59 11.75 -21.24
CA TYR A 19 8.47 12.48 -20.64
C TYR A 19 8.96 13.79 -19.99
N THR A 20 8.59 14.94 -20.57
CA THR A 20 9.00 16.26 -20.07
C THR A 20 7.84 17.03 -19.45
N ALA A 21 8.17 17.94 -18.50
CA ALA A 21 7.25 18.82 -17.77
C ALA A 21 6.47 19.76 -18.70
N GLU A 22 7.04 20.04 -19.89
CA GLU A 22 6.46 20.89 -20.92
C GLU A 22 5.42 20.10 -21.73
N GLU A 23 5.77 18.84 -22.12
CA GLU A 23 4.92 17.89 -22.85
C GLU A 23 3.61 17.63 -22.09
N ILE A 24 3.71 17.34 -20.78
CA ILE A 24 2.54 17.02 -19.96
C ILE A 24 1.68 18.27 -19.75
N ASN A 25 2.30 19.45 -19.50
CA ASN A 25 1.53 20.70 -19.34
C ASN A 25 0.80 21.07 -20.65
N GLU A 26 1.44 20.78 -21.80
CA GLU A 26 0.91 20.94 -23.15
C GLU A 26 -0.34 20.04 -23.34
N MET A 27 -0.21 18.76 -22.95
CA MET A 27 -1.30 17.77 -23.02
C MET A 27 -2.50 18.19 -22.15
N ILE A 28 -2.28 18.56 -20.89
CA ILE A 28 -3.37 18.96 -19.98
C ILE A 28 -4.05 20.26 -20.51
N ASN A 29 -3.25 21.22 -20.96
CA ASN A 29 -3.73 22.51 -21.45
C ASN A 29 -4.15 22.50 -22.93
N SER A 30 -4.27 21.30 -23.55
CA SER A 30 -4.68 21.15 -24.96
C SER A 30 -6.09 21.68 -25.15
N SER A 31 -6.32 22.32 -26.32
CA SER A 31 -7.62 22.89 -26.69
C SER A 31 -8.64 21.78 -27.02
N ASN A 32 -8.16 20.56 -27.36
CA ASN A 32 -8.98 19.37 -27.67
C ASN A 32 -10.02 19.10 -26.57
N GLU A 33 -11.29 18.95 -26.98
CA GLU A 33 -12.42 18.76 -26.09
C GLU A 33 -12.36 17.45 -25.29
N PHE A 34 -11.81 16.42 -25.89
CA PHE A 34 -11.72 15.11 -25.27
C PHE A 34 -10.28 14.68 -25.15
N ILE A 35 -10.03 13.70 -24.26
CA ILE A 35 -8.71 13.13 -24.05
C ILE A 35 -8.79 11.59 -24.20
N ASN A 36 -7.84 11.00 -24.96
CA ASN A 36 -7.72 9.55 -25.19
C ASN A 36 -6.92 8.85 -24.06
N ARG A 37 -6.87 7.49 -24.10
CA ARG A 37 -6.17 6.60 -23.15
C ARG A 37 -4.66 6.89 -23.06
N ASN A 38 -3.98 6.93 -24.24
CA ASN A 38 -2.54 7.16 -24.44
C ASN A 38 -2.09 8.40 -23.64
N ASP A 39 -2.83 9.53 -23.76
CA ASP A 39 -2.54 10.76 -23.03
C ASP A 39 -2.87 10.61 -21.52
N MET A 40 -4.07 10.07 -21.20
CA MET A 40 -4.54 9.90 -19.82
C MET A 40 -3.55 9.07 -18.98
N ASN A 41 -2.96 8.03 -19.58
CA ASN A 41 -2.01 7.15 -18.92
C ASN A 41 -0.64 7.82 -18.80
N ILE A 42 -0.18 8.49 -19.88
CA ILE A 42 1.08 9.26 -19.93
C ILE A 42 1.03 10.43 -18.90
N ILE A 43 -0.17 10.98 -18.58
CA ILE A 43 -0.32 12.05 -17.57
C ILE A 43 -0.34 11.43 -16.17
N PHE A 44 -1.06 10.31 -15.96
CA PHE A 44 -1.10 9.69 -14.64
C PHE A 44 0.27 9.09 -14.26
N SER A 45 1.05 8.57 -15.24
CA SER A 45 2.40 8.04 -15.02
C SER A 45 3.33 9.15 -14.57
N TYR A 46 3.28 10.30 -15.27
CA TYR A 46 4.08 11.48 -14.93
C TYR A 46 3.72 12.01 -13.54
N VAL A 47 2.42 12.03 -13.20
CA VAL A 47 1.91 12.53 -11.92
C VAL A 47 2.30 11.56 -10.78
N HIS A 48 2.13 10.24 -10.98
CA HIS A 48 2.54 9.25 -9.98
C HIS A 48 4.03 9.39 -9.67
N GLU A 49 4.84 9.60 -10.74
CA GLU A 49 6.29 9.78 -10.61
C GLU A 49 6.63 11.08 -9.88
N SER A 50 5.95 12.19 -10.19
CA SER A 50 6.16 13.50 -9.57
C SER A 50 5.84 13.45 -8.06
N GLU A 51 4.75 12.74 -7.69
CA GLU A 51 4.33 12.62 -6.30
C GLU A 51 5.27 11.72 -5.51
N ARG A 52 5.84 10.71 -6.17
CA ARG A 52 6.85 9.77 -5.65
C ARG A 52 8.14 10.55 -5.32
N GLU A 53 8.56 11.47 -6.20
CA GLU A 53 9.75 12.29 -5.96
C GLU A 53 9.55 13.29 -4.83
N LYS A 54 8.36 13.92 -4.82
CA LYS A 54 8.02 14.96 -3.85
C LYS A 54 7.94 14.36 -2.43
N PHE A 55 7.48 13.07 -2.30
CA PHE A 55 7.37 12.30 -1.05
C PHE A 55 8.76 12.05 -0.41
N LYS A 56 9.73 11.68 -1.28
CA LYS A 56 11.13 11.42 -0.94
C LYS A 56 11.78 12.66 -0.39
N LYS A 57 11.44 13.84 -0.92
CA LYS A 57 11.93 15.13 -0.41
C LYS A 57 11.41 15.38 1.02
N VAL A 58 10.13 15.01 1.32
CA VAL A 58 9.57 15.15 2.67
C VAL A 58 10.35 14.25 3.65
N GLU A 59 10.61 13.00 3.26
CA GLU A 59 11.39 12.07 4.11
C GLU A 59 12.78 12.59 4.42
N GLU A 60 13.46 13.15 3.41
CA GLU A 60 14.80 13.75 3.56
C GLU A 60 14.76 14.86 4.61
N ASN A 61 13.74 15.72 4.52
CA ASN A 61 13.54 16.84 5.43
C ASN A 61 13.32 16.36 6.87
N ILE A 62 12.56 15.26 7.05
CA ILE A 62 12.33 14.71 8.39
C ILE A 62 13.65 14.20 8.95
N PHE A 63 14.35 13.40 8.14
CA PHE A 63 15.61 12.76 8.51
C PHE A 63 16.69 13.79 8.80
N LYS A 64 16.72 14.91 8.07
CA LYS A 64 17.67 16.01 8.31
C LYS A 64 17.40 16.63 9.68
N PHE A 65 16.13 16.82 10.00
CA PHE A 65 15.72 17.37 11.29
C PHE A 65 16.14 16.41 12.44
N ILE A 66 15.90 15.10 12.28
CA ILE A 66 16.23 14.11 13.31
C ILE A 66 17.76 14.01 13.48
N GLN A 67 18.54 14.37 12.44
CA GLN A 67 19.99 14.39 12.49
C GLN A 67 20.49 15.37 13.55
N SER A 68 19.77 16.50 13.76
CA SER A 68 20.07 17.50 14.77
C SER A 68 19.97 16.94 16.19
N ILE A 69 19.00 16.04 16.43
CA ILE A 69 18.77 15.37 17.73
C ILE A 69 19.83 14.28 17.90
N VAL A 70 20.18 13.60 16.78
CA VAL A 70 21.20 12.54 16.76
C VAL A 70 22.53 13.09 17.26
N GLU A 71 22.93 14.28 16.75
CA GLU A 71 24.16 14.98 17.09
C GLU A 71 24.09 15.58 18.50
N THR A 72 22.92 16.10 18.93
CA THR A 72 22.76 16.64 20.28
C THR A 72 23.00 15.55 21.34
N TYR A 73 22.45 14.35 21.14
CA TYR A 73 22.56 13.27 22.11
C TYR A 73 23.62 12.23 21.76
N LYS A 74 24.42 12.46 20.66
CA LYS A 74 25.47 11.55 20.22
C LYS A 74 24.87 10.11 20.11
N ILE A 75 23.76 9.99 19.37
CA ILE A 75 23.07 8.72 19.15
C ILE A 75 23.88 7.91 18.11
N PRO A 76 24.22 6.63 18.38
CA PRO A 76 25.02 5.86 17.38
C PRO A 76 24.24 5.62 16.10
N ASP A 77 24.95 5.56 14.98
CA ASP A 77 24.46 5.37 13.63
C ASP A 77 23.61 4.11 13.47
N GLU A 78 24.01 3.02 14.17
CA GLU A 78 23.31 1.74 14.12
C GLU A 78 21.84 1.95 14.48
N TYR A 79 21.56 2.63 15.62
CA TYR A 79 20.22 2.95 16.09
C TYR A 79 19.50 3.89 15.10
N LYS A 80 20.20 4.94 14.67
CA LYS A 80 19.68 5.93 13.76
C LYS A 80 19.17 5.31 12.46
N MET A 81 20.00 4.52 11.78
CA MET A 81 19.70 3.93 10.47
C MET A 81 18.58 2.88 10.55
N ARG A 82 18.57 2.08 11.60
CA ARG A 82 17.56 1.05 11.83
C ARG A 82 16.17 1.71 12.05
N LYS A 83 16.14 2.82 12.78
CA LYS A 83 14.90 3.55 13.06
C LYS A 83 14.47 4.32 11.86
N PHE A 84 15.40 4.89 11.10
CA PHE A 84 15.06 5.56 9.84
C PHE A 84 14.50 4.56 8.80
N LYS A 85 15.07 3.34 8.72
CA LYS A 85 14.61 2.33 7.77
C LYS A 85 13.16 1.94 8.04
N PHE A 86 12.84 1.61 9.29
CA PHE A 86 11.51 1.26 9.73
C PHE A 86 10.50 2.42 9.50
N ALA A 87 10.87 3.67 9.85
CA ALA A 87 10.03 4.84 9.63
C ALA A 87 9.74 5.02 8.16
N HIS A 88 10.76 4.81 7.29
CA HIS A 88 10.63 4.90 5.83
C HIS A 88 9.54 3.96 5.32
N PHE A 89 9.53 2.72 5.81
CA PHE A 89 8.59 1.72 5.36
C PHE A 89 7.18 2.07 5.91
N GLU A 90 7.05 2.62 7.12
CA GLU A 90 5.75 3.06 7.66
C GLU A 90 5.18 4.21 6.81
N MET A 91 6.03 5.20 6.45
CA MET A 91 5.64 6.35 5.64
C MET A 91 5.29 5.92 4.25
N GLN A 92 6.10 5.04 3.64
CA GLN A 92 5.81 4.55 2.31
C GLN A 92 4.47 3.73 2.33
N GLY A 93 4.22 2.99 3.43
CA GLY A 93 2.97 2.26 3.66
C GLY A 93 1.75 3.16 3.59
N TYR A 94 1.83 4.32 4.24
CA TYR A 94 0.78 5.35 4.21
C TYR A 94 0.70 5.99 2.84
N ALA A 95 1.85 6.21 2.14
CA ALA A 95 1.87 6.79 0.78
C ALA A 95 1.21 5.85 -0.25
N LEU A 96 1.38 4.52 -0.08
CA LEU A 96 0.77 3.54 -0.99
C LEU A 96 -0.73 3.51 -0.77
N LYS A 97 -1.16 3.58 0.49
CA LYS A 97 -2.58 3.62 0.88
C LYS A 97 -3.23 4.91 0.28
N GLN A 98 -2.53 6.06 0.30
CA GLN A 98 -2.99 7.33 -0.26
C GLN A 98 -3.12 7.23 -1.79
N GLU A 99 -2.14 6.63 -2.47
CA GLU A 99 -2.21 6.45 -3.90
C GLU A 99 -3.38 5.53 -4.28
N LYS A 100 -3.60 4.44 -3.51
CA LYS A 100 -4.69 3.47 -3.68
C LYS A 100 -6.04 4.18 -3.60
N PHE A 101 -6.23 5.04 -2.59
CA PHE A 101 -7.48 5.82 -2.44
C PHE A 101 -7.68 6.77 -3.63
N LEU A 102 -6.61 7.46 -4.07
CA LEU A 102 -6.68 8.43 -5.17
C LEU A 102 -6.87 7.73 -6.53
N LEU A 103 -6.40 6.46 -6.67
CA LEU A 103 -6.62 5.70 -7.90
C LEU A 103 -8.09 5.28 -7.97
N GLU A 104 -8.64 4.88 -6.79
CA GLU A 104 -10.03 4.50 -6.63
C GLU A 104 -10.91 5.71 -6.81
N TYR A 105 -10.50 6.87 -6.28
CA TYR A 105 -11.25 8.14 -6.45
C TYR A 105 -11.39 8.45 -7.93
N ALA A 106 -10.26 8.43 -8.68
CA ALA A 106 -10.23 8.72 -10.11
C ALA A 106 -11.04 7.69 -10.91
N PHE A 107 -10.97 6.41 -10.53
CA PHE A 107 -11.72 5.36 -11.24
C PHE A 107 -13.22 5.62 -11.15
N LEU A 108 -13.75 5.83 -9.94
CA LEU A 108 -15.18 6.05 -9.70
C LEU A 108 -15.67 7.38 -10.24
N SER A 109 -14.82 8.42 -10.23
CA SER A 109 -15.23 9.74 -10.71
C SER A 109 -15.34 9.83 -12.22
N LEU A 110 -14.53 9.05 -12.94
CA LEU A 110 -14.45 9.13 -14.40
C LEU A 110 -15.31 8.06 -15.11
N ASN A 111 -15.70 6.99 -14.39
CA ASN A 111 -16.52 5.87 -14.90
C ASN A 111 -17.95 6.41 -15.19
N GLY A 112 -18.57 5.93 -16.29
CA GLY A 112 -19.87 6.38 -16.77
C GLY A 112 -21.03 5.91 -15.93
N LYS A 113 -22.16 6.65 -15.98
CA LYS A 113 -23.40 6.36 -15.23
C LYS A 113 -24.00 4.99 -15.56
N LEU A 114 -23.86 4.49 -16.81
CA LEU A 114 -24.41 3.19 -17.22
C LEU A 114 -23.41 2.32 -17.94
N CYS A 115 -23.60 1.01 -17.85
CA CYS A 115 -22.77 0.03 -18.55
C CYS A 115 -23.61 -1.21 -18.84
N GLU A 116 -23.30 -1.89 -19.95
CA GLU A 116 -23.93 -3.18 -20.28
C GLU A 116 -23.57 -4.18 -19.16
N ARG A 117 -24.56 -4.78 -18.50
CA ARG A 117 -24.32 -5.72 -17.39
C ARG A 117 -23.40 -6.90 -17.80
N LYS A 118 -23.56 -7.41 -19.03
CA LYS A 118 -22.78 -8.53 -19.62
C LYS A 118 -21.28 -8.23 -19.53
N LYS A 119 -20.87 -7.05 -20.04
CA LYS A 119 -19.52 -6.51 -20.05
C LYS A 119 -18.99 -6.33 -18.61
N PHE A 120 -19.84 -5.79 -17.71
CA PHE A 120 -19.47 -5.57 -16.30
C PHE A 120 -19.15 -6.93 -15.64
N LYS A 121 -19.98 -7.95 -15.88
CA LYS A 121 -19.84 -9.31 -15.38
C LYS A 121 -18.55 -9.94 -15.90
N GLU A 122 -18.21 -9.70 -17.19
CA GLU A 122 -16.98 -10.20 -17.80
C GLU A 122 -15.75 -9.60 -17.10
N VAL A 123 -15.73 -8.26 -16.92
CA VAL A 123 -14.65 -7.52 -16.25
C VAL A 123 -14.47 -8.07 -14.82
N LEU A 124 -15.59 -8.22 -14.10
CA LEU A 124 -15.64 -8.72 -12.73
C LEU A 124 -15.10 -10.14 -12.63
N GLU A 125 -15.43 -11.03 -13.57
CA GLU A 125 -14.94 -12.41 -13.59
C GLU A 125 -13.41 -12.42 -13.82
N TYR A 126 -12.89 -11.51 -14.64
CA TYR A 126 -11.46 -11.37 -14.90
C TYR A 126 -10.72 -10.87 -13.64
N VAL A 127 -11.24 -9.83 -12.97
CA VAL A 127 -10.68 -9.26 -11.75
C VAL A 127 -10.60 -10.34 -10.66
N LYS A 128 -11.69 -11.12 -10.45
CA LYS A 128 -11.73 -12.21 -9.46
C LYS A 128 -10.66 -13.29 -9.75
N ARG A 129 -10.52 -13.76 -11.01
CA ARG A 129 -9.53 -14.75 -11.43
C ARG A 129 -8.08 -14.25 -11.23
N GLU A 130 -7.82 -12.97 -11.61
CA GLU A 130 -6.52 -12.34 -11.42
C GLU A 130 -6.15 -12.26 -9.94
N TRP A 131 -7.15 -12.01 -9.05
CA TRP A 131 -6.90 -11.93 -7.62
C TRP A 131 -6.60 -13.30 -7.02
N ILE A 132 -7.22 -14.37 -7.55
CA ILE A 132 -6.98 -15.72 -7.06
C ILE A 132 -5.56 -16.10 -7.44
N GLU A 133 -5.16 -15.82 -8.69
CA GLU A 133 -3.84 -16.06 -9.25
C GLU A 133 -2.78 -15.27 -8.47
N PHE A 134 -3.08 -13.98 -8.13
CA PHE A 134 -2.17 -13.14 -7.35
C PHE A 134 -1.92 -13.75 -5.98
N ARG A 135 -3.00 -14.15 -5.29
CA ARG A 135 -2.97 -14.70 -3.94
C ARG A 135 -2.18 -16.02 -3.86
N LYS A 136 -2.35 -16.91 -4.85
CA LYS A 136 -1.62 -18.19 -4.91
C LYS A 136 -0.11 -17.93 -5.03
N SER A 137 0.26 -17.08 -5.99
CA SER A 137 1.63 -16.67 -6.31
C SER A 137 2.31 -16.02 -5.10
N MET A 138 1.62 -15.02 -4.45
N MET A 138 1.66 -15.03 -4.45
CA MET A 138 2.06 -14.26 -3.28
CA MET A 138 2.24 -14.32 -3.31
C MET A 138 2.40 -15.21 -2.12
C MET A 138 2.45 -15.25 -2.11
N PHE A 139 1.55 -16.22 -1.90
CA PHE A 139 1.69 -17.20 -0.82
C PHE A 139 2.98 -17.96 -0.98
N ASP A 140 3.21 -18.49 -2.18
CA ASP A 140 4.39 -19.24 -2.57
C ASP A 140 5.65 -18.39 -2.54
N VAL A 141 5.65 -17.25 -3.27
CA VAL A 141 6.77 -16.31 -3.39
C VAL A 141 7.30 -15.84 -2.02
N TRP A 142 6.40 -15.43 -1.11
CA TRP A 142 6.75 -14.89 0.20
C TRP A 142 7.08 -16.00 1.21
N LYS A 143 6.53 -17.22 1.01
CA LYS A 143 6.95 -18.37 1.83
C LYS A 143 8.44 -18.62 1.54
N GLU A 144 8.82 -18.59 0.24
CA GLU A 144 10.19 -18.84 -0.21
C GLU A 144 11.16 -17.76 0.23
N LYS A 145 10.80 -16.47 0.07
CA LYS A 145 11.65 -15.34 0.44
C LYS A 145 11.99 -15.42 1.94
N LEU A 146 10.95 -15.55 2.78
CA LEU A 146 11.12 -15.55 4.22
C LEU A 146 11.67 -16.86 4.73
N ALA A 147 11.34 -17.99 4.10
CA ALA A 147 11.89 -19.28 4.53
C ALA A 147 13.38 -19.30 4.41
N SER A 148 13.91 -18.87 3.23
CA SER A 148 15.36 -18.86 2.97
C SER A 148 16.08 -17.92 3.91
N GLU A 149 15.53 -16.71 4.12
CA GLU A 149 16.08 -15.68 4.98
C GLU A 149 16.12 -16.15 6.45
N PHE A 150 15.03 -16.77 6.94
CA PHE A 150 14.94 -17.23 8.32
C PHE A 150 15.77 -18.48 8.57
N ARG A 151 15.73 -19.44 7.64
CA ARG A 151 16.49 -20.69 7.73
C ARG A 151 17.98 -20.39 7.74
N GLU A 152 18.43 -19.43 6.91
CA GLU A 152 19.83 -19.00 6.83
C GLU A 152 20.28 -18.33 8.14
N HIS A 153 19.48 -17.39 8.64
CA HIS A 153 19.76 -16.69 9.89
C HIS A 153 19.77 -17.65 11.07
N GLY A 154 18.84 -18.62 11.07
CA GLY A 154 18.74 -19.64 12.10
C GLY A 154 19.96 -20.56 12.17
N GLU A 155 20.36 -21.11 11.01
CA GLU A 155 21.51 -21.99 10.84
C GLU A 155 22.79 -21.28 11.31
N MET A 156 22.97 -19.97 10.93
CA MET A 156 24.12 -19.15 11.29
C MET A 156 24.12 -18.88 12.80
N LEU A 157 22.91 -18.79 13.42
CA LEU A 157 22.77 -18.60 14.85
C LEU A 157 23.23 -19.86 15.62
N ASN A 158 22.85 -21.08 15.14
CA ASN A 158 23.24 -22.36 15.76
C ASN A 158 24.74 -22.57 15.73
N GLN A 159 25.37 -22.22 14.59
CA GLN A 159 26.80 -22.28 14.36
C GLN A 159 27.52 -21.28 15.25
N LYS A 160 27.00 -20.04 15.38
CA LYS A 160 27.59 -19.05 16.27
C LYS A 160 27.46 -19.50 17.75
N ARG A 161 26.35 -20.19 18.09
CA ARG A 161 26.09 -20.73 19.44
C ARG A 161 27.07 -21.88 19.78
N LYS A 162 27.30 -22.83 18.83
CA LYS A 162 28.21 -23.97 19.02
C LYS A 162 29.67 -23.52 19.16
N LEU A 163 30.03 -22.44 18.45
CA LEU A 163 31.36 -21.81 18.48
C LEU A 163 31.67 -21.23 19.89
N LYS A 164 30.69 -20.55 20.52
CA LYS A 164 30.85 -19.98 21.87
C LYS A 164 30.83 -21.08 22.94
N GLN A 165 29.94 -22.11 22.76
CA GLN A 165 29.77 -23.25 23.66
C GLN A 165 30.96 -24.25 23.63
N HIS A 166 31.76 -24.25 22.54
CA HIS A 166 32.96 -25.10 22.44
C HIS A 166 34.19 -24.29 22.86
N GLU A 167 33.94 -23.08 23.44
CA GLU A 167 34.86 -22.07 24.01
C GLU A 167 36.14 -21.90 23.20
N SER B 6 -14.04 -12.59 18.76
CA SER B 6 -14.86 -12.24 19.93
C SER B 6 -16.27 -11.74 19.51
N LEU B 7 -17.19 -11.73 20.49
CA LEU B 7 -18.60 -11.37 20.41
C LEU B 7 -18.84 -9.91 19.95
N SER B 8 -18.18 -8.91 20.61
CA SER B 8 -18.32 -7.47 20.29
C SER B 8 -17.90 -7.16 18.83
N ASP B 9 -16.85 -7.84 18.30
CA ASP B 9 -16.41 -7.68 16.92
C ASP B 9 -17.53 -8.12 15.95
N GLU B 10 -18.30 -9.17 16.32
CA GLU B 10 -19.44 -9.65 15.53
C GLU B 10 -20.60 -8.66 15.55
N ILE B 11 -20.93 -8.09 16.75
CA ILE B 11 -22.02 -7.10 16.95
C ILE B 11 -21.69 -5.83 16.17
N ASN B 12 -20.44 -5.31 16.32
CA ASN B 12 -19.97 -4.11 15.64
C ASN B 12 -20.03 -4.29 14.09
N LYS B 13 -19.71 -5.52 13.55
CA LYS B 13 -19.78 -5.86 12.12
C LYS B 13 -21.23 -5.98 11.61
N CYS B 14 -22.15 -6.63 12.39
CA CYS B 14 -23.57 -6.80 12.03
C CYS B 14 -24.27 -5.44 11.93
N ASP B 15 -23.89 -4.54 12.86
CA ASP B 15 -24.38 -3.17 13.01
C ASP B 15 -23.80 -2.21 11.96
N MET B 16 -22.78 -2.67 11.20
CA MET B 16 -22.14 -1.90 10.15
C MET B 16 -22.40 -2.47 8.73
N LYS B 17 -22.71 -3.79 8.57
CA LYS B 17 -22.93 -4.45 7.26
C LYS B 17 -23.83 -3.61 6.31
N LYS B 18 -23.31 -3.35 5.10
CA LYS B 18 -23.93 -2.57 4.00
C LYS B 18 -24.30 -3.48 2.85
N TYR B 19 -23.57 -4.61 2.69
CA TYR B 19 -23.77 -5.57 1.59
C TYR B 19 -23.74 -6.98 2.08
N THR B 20 -24.45 -7.86 1.39
CA THR B 20 -24.43 -9.30 1.64
C THR B 20 -23.82 -9.97 0.40
N ALA B 21 -23.45 -11.26 0.47
CA ALA B 21 -22.91 -11.97 -0.71
C ALA B 21 -24.05 -12.27 -1.71
N GLU B 22 -25.24 -12.58 -1.16
CA GLU B 22 -26.47 -12.90 -1.88
C GLU B 22 -26.92 -11.71 -2.72
N GLU B 23 -26.92 -10.49 -2.14
CA GLU B 23 -27.23 -9.21 -2.80
C GLU B 23 -26.32 -8.98 -4.01
N ILE B 24 -25.01 -9.18 -3.81
CA ILE B 24 -23.95 -9.00 -4.81
C ILE B 24 -24.11 -10.03 -5.93
N ASN B 25 -24.34 -11.31 -5.60
CA ASN B 25 -24.53 -12.33 -6.63
C ASN B 25 -25.83 -12.04 -7.44
N GLU B 26 -26.88 -11.63 -6.76
CA GLU B 26 -28.17 -11.24 -7.35
C GLU B 26 -27.96 -10.13 -8.37
N MET B 27 -27.18 -9.08 -7.99
CA MET B 27 -26.87 -7.94 -8.84
C MET B 27 -26.07 -8.38 -10.06
N ILE B 28 -25.03 -9.21 -9.85
CA ILE B 28 -24.18 -9.72 -10.93
C ILE B 28 -25.02 -10.50 -11.95
N ASN B 29 -25.85 -11.43 -11.44
CA ASN B 29 -26.66 -12.35 -12.21
C ASN B 29 -28.02 -11.78 -12.64
N SER B 30 -28.25 -10.45 -12.48
CA SER B 30 -29.53 -9.82 -12.85
C SER B 30 -29.76 -9.94 -14.36
N SER B 31 -31.04 -10.12 -14.73
CA SER B 31 -31.45 -10.24 -16.15
C SER B 31 -31.39 -8.88 -16.84
N ASN B 32 -31.44 -7.76 -16.07
CA ASN B 32 -31.34 -6.37 -16.56
C ASN B 32 -30.13 -6.19 -17.49
N GLU B 33 -30.36 -5.64 -18.71
CA GLU B 33 -29.31 -5.46 -19.71
C GLU B 33 -28.22 -4.49 -19.27
N PHE B 34 -28.60 -3.47 -18.52
CA PHE B 34 -27.68 -2.45 -18.10
C PHE B 34 -27.58 -2.43 -16.61
N ILE B 35 -26.43 -1.93 -16.11
CA ILE B 35 -26.12 -1.75 -14.70
C ILE B 35 -25.64 -0.31 -14.54
N ASN B 36 -26.23 0.39 -13.55
CA ASN B 36 -25.90 1.79 -13.27
C ASN B 36 -24.65 1.87 -12.34
N ARG B 37 -24.12 3.11 -12.16
CA ARG B 37 -22.94 3.45 -11.37
C ARG B 37 -23.10 3.08 -9.91
N ASN B 38 -24.28 3.28 -9.31
CA ASN B 38 -24.49 2.91 -7.91
C ASN B 38 -24.20 1.43 -7.68
N ASP B 39 -24.92 0.57 -8.41
CA ASP B 39 -24.78 -0.87 -8.34
C ASP B 39 -23.32 -1.32 -8.64
N MET B 40 -22.63 -0.66 -9.58
CA MET B 40 -21.24 -0.99 -9.92
C MET B 40 -20.32 -0.64 -8.77
N ASN B 41 -20.60 0.49 -8.09
CA ASN B 41 -19.82 0.96 -6.95
C ASN B 41 -20.03 0.04 -5.75
N ILE B 42 -21.28 -0.35 -5.48
CA ILE B 42 -21.61 -1.29 -4.40
C ILE B 42 -20.81 -2.57 -4.61
N ILE B 43 -20.83 -3.13 -5.84
CA ILE B 43 -20.16 -4.39 -6.14
C ILE B 43 -18.63 -4.23 -5.99
N PHE B 44 -18.05 -3.12 -6.47
CA PHE B 44 -16.62 -2.95 -6.37
C PHE B 44 -16.19 -2.74 -4.92
N SER B 45 -17.03 -2.07 -4.07
CA SER B 45 -16.76 -1.88 -2.65
C SER B 45 -16.72 -3.23 -1.93
N TYR B 46 -17.71 -4.09 -2.21
CA TYR B 46 -17.77 -5.44 -1.65
C TYR B 46 -16.57 -6.28 -2.06
N VAL B 47 -16.16 -6.19 -3.33
CA VAL B 47 -15.06 -6.96 -3.91
C VAL B 47 -13.72 -6.44 -3.34
N HIS B 48 -13.52 -5.10 -3.29
CA HIS B 48 -12.34 -4.49 -2.70
C HIS B 48 -12.18 -5.04 -1.28
N GLU B 49 -13.28 -5.03 -0.49
CA GLU B 49 -13.28 -5.50 0.89
C GLU B 49 -12.97 -7.00 1.01
N SER B 50 -13.57 -7.83 0.15
CA SER B 50 -13.36 -9.28 0.13
C SER B 50 -11.88 -9.63 -0.18
N GLU B 51 -11.27 -8.91 -1.14
CA GLU B 51 -9.90 -9.13 -1.56
C GLU B 51 -8.94 -8.67 -0.48
N ARG B 52 -9.29 -7.64 0.27
CA ARG B 52 -8.54 -7.08 1.39
C ARG B 52 -8.49 -8.10 2.53
N GLU B 53 -9.63 -8.76 2.82
CA GLU B 53 -9.71 -9.78 3.87
C GLU B 53 -8.94 -11.05 3.50
N LYS B 54 -9.09 -11.53 2.26
CA LYS B 54 -8.45 -12.74 1.79
C LYS B 54 -6.92 -12.58 1.77
N PHE B 55 -6.43 -11.37 1.40
CA PHE B 55 -5.02 -11.03 1.37
C PHE B 55 -4.38 -11.21 2.75
N LYS B 56 -5.09 -10.71 3.80
CA LYS B 56 -4.70 -10.78 5.21
C LYS B 56 -4.61 -12.21 5.68
N LYS B 57 -5.53 -13.08 5.22
CA LYS B 57 -5.51 -14.51 5.53
C LYS B 57 -4.25 -15.17 4.90
N VAL B 58 -3.84 -14.75 3.68
CA VAL B 58 -2.62 -15.27 3.03
C VAL B 58 -1.39 -14.87 3.87
N GLU B 59 -1.32 -13.59 4.34
CA GLU B 59 -0.21 -13.12 5.17
C GLU B 59 -0.10 -13.91 6.46
N GLU B 60 -1.23 -14.20 7.11
CA GLU B 60 -1.31 -15.01 8.34
C GLU B 60 -0.73 -16.39 8.10
N ASN B 61 -1.11 -17.01 6.97
CA ASN B 61 -0.67 -18.35 6.58
C ASN B 61 0.86 -18.36 6.34
N ILE B 62 1.42 -17.30 5.74
CA ILE B 62 2.87 -17.21 5.51
C ILE B 62 3.57 -17.13 6.88
N PHE B 63 3.11 -16.23 7.75
CA PHE B 63 3.68 -15.98 9.08
C PHE B 63 3.54 -17.22 10.01
N LYS B 64 2.47 -18.01 9.85
CA LYS B 64 2.28 -19.24 10.62
C LYS B 64 3.34 -20.25 10.19
N PHE B 65 3.58 -20.35 8.87
CA PHE B 65 4.57 -21.25 8.33
C PHE B 65 5.98 -20.86 8.80
N ILE B 66 6.33 -19.55 8.76
CA ILE B 66 7.66 -19.07 9.16
C ILE B 66 7.87 -19.27 10.68
N GLN B 67 6.76 -19.34 11.45
CA GLN B 67 6.79 -19.56 12.89
C GLN B 67 7.41 -20.92 13.19
N SER B 68 7.17 -21.93 12.32
CA SER B 68 7.73 -23.29 12.44
C SER B 68 9.27 -23.28 12.36
N ILE B 69 9.84 -22.41 11.51
CA ILE B 69 11.29 -22.24 11.32
C ILE B 69 11.85 -21.45 12.51
N VAL B 70 11.07 -20.46 12.99
CA VAL B 70 11.44 -19.59 14.12
C VAL B 70 11.68 -20.47 15.37
N GLU B 71 10.74 -21.40 15.64
CA GLU B 71 10.78 -22.34 16.75
C GLU B 71 11.87 -23.40 16.57
N THR B 72 12.10 -23.89 15.34
CA THR B 72 13.14 -24.88 15.07
C THR B 72 14.52 -24.30 15.40
N TYR B 73 14.78 -23.06 15.00
CA TYR B 73 16.09 -22.43 15.20
C TYR B 73 16.15 -21.48 16.39
N LYS B 74 15.06 -21.40 17.20
CA LYS B 74 14.96 -20.53 18.38
C LYS B 74 15.39 -19.10 17.99
N ILE B 75 14.77 -18.57 16.92
CA ILE B 75 15.06 -17.24 16.40
C ILE B 75 14.40 -16.20 17.32
N PRO B 76 15.17 -15.17 17.80
CA PRO B 76 14.57 -14.17 18.71
C PRO B 76 13.47 -13.36 18.04
N ASP B 77 12.48 -12.95 18.84
CA ASP B 77 11.31 -12.20 18.44
C ASP B 77 11.66 -10.87 17.77
N GLU B 78 12.72 -10.19 18.23
CA GLU B 78 13.17 -8.92 17.67
C GLU B 78 13.41 -9.07 16.16
N TYR B 79 14.19 -10.10 15.74
CA TYR B 79 14.49 -10.41 14.35
C TYR B 79 13.19 -10.80 13.59
N LYS B 80 12.39 -11.71 14.16
CA LYS B 80 11.14 -12.22 13.61
C LYS B 80 10.15 -11.07 13.28
N MET B 81 9.89 -10.16 14.24
CA MET B 81 8.93 -9.09 14.08
C MET B 81 9.39 -8.03 13.08
N ARG B 82 10.67 -7.68 13.10
CA ARG B 82 11.28 -6.72 12.18
C ARG B 82 11.18 -7.22 10.73
N LYS B 83 11.42 -8.52 10.52
CA LYS B 83 11.37 -9.13 9.19
C LYS B 83 9.94 -9.27 8.73
N PHE B 84 9.01 -9.61 9.65
CA PHE B 84 7.59 -9.71 9.35
C PHE B 84 7.00 -8.35 8.96
N LYS B 85 7.42 -7.31 9.69
CA LYS B 85 7.00 -5.93 9.45
C LYS B 85 7.40 -5.52 8.01
N PHE B 86 8.68 -5.66 7.62
CA PHE B 86 9.10 -5.27 6.27
C PHE B 86 8.49 -6.13 5.16
N ALA B 87 8.23 -7.42 5.41
CA ALA B 87 7.60 -8.29 4.42
C ALA B 87 6.15 -7.85 4.17
N HIS B 88 5.43 -7.44 5.25
CA HIS B 88 4.04 -6.96 5.18
C HIS B 88 3.94 -5.78 4.21
N PHE B 89 4.88 -4.84 4.32
CA PHE B 89 5.05 -3.64 3.50
C PHE B 89 5.30 -3.96 2.05
N GLU B 90 6.16 -4.93 1.81
CA GLU B 90 6.50 -5.37 0.45
C GLU B 90 5.29 -6.04 -0.24
N MET B 91 4.55 -6.88 0.51
CA MET B 91 3.33 -7.56 0.03
C MET B 91 2.22 -6.56 -0.28
N GLN B 92 2.05 -5.51 0.58
CA GLN B 92 1.11 -4.39 0.35
C GLN B 92 1.46 -3.70 -0.96
N GLY B 93 2.75 -3.47 -1.17
CA GLY B 93 3.29 -2.84 -2.38
C GLY B 93 2.91 -3.58 -3.67
N TYR B 94 3.03 -4.91 -3.64
CA TYR B 94 2.67 -5.75 -4.77
C TYR B 94 1.16 -5.77 -4.98
N ALA B 95 0.37 -5.79 -3.90
CA ALA B 95 -1.09 -5.75 -3.97
C ALA B 95 -1.60 -4.44 -4.57
N LEU B 96 -0.92 -3.29 -4.28
CA LEU B 96 -1.30 -1.98 -4.84
C LEU B 96 -1.05 -1.96 -6.31
N LYS B 97 0.10 -2.49 -6.73
CA LYS B 97 0.48 -2.56 -8.14
C LYS B 97 -0.58 -3.40 -8.95
N GLN B 98 -1.03 -4.53 -8.37
CA GLN B 98 -2.03 -5.41 -8.96
C GLN B 98 -3.38 -4.69 -9.06
N GLU B 99 -3.80 -4.01 -7.99
CA GLU B 99 -5.04 -3.27 -7.97
C GLU B 99 -5.01 -2.13 -8.99
N LYS B 100 -3.88 -1.43 -9.14
CA LYS B 100 -3.67 -0.35 -10.10
C LYS B 100 -3.90 -0.84 -11.53
N PHE B 101 -3.30 -1.99 -11.88
CA PHE B 101 -3.49 -2.59 -13.20
C PHE B 101 -4.99 -2.96 -13.45
N LEU B 102 -5.64 -3.57 -12.42
CA LEU B 102 -7.03 -4.02 -12.51
C LEU B 102 -7.99 -2.84 -12.53
N LEU B 103 -7.65 -1.71 -11.88
CA LEU B 103 -8.51 -0.52 -11.93
C LEU B 103 -8.43 0.09 -13.32
N GLU B 104 -7.22 0.08 -13.93
CA GLU B 104 -6.99 0.59 -15.29
C GLU B 104 -7.69 -0.31 -16.28
N TYR B 105 -7.60 -1.63 -16.08
CA TYR B 105 -8.27 -2.62 -16.94
C TYR B 105 -9.79 -2.37 -16.94
N ALA B 106 -10.38 -2.26 -15.75
CA ALA B 106 -11.81 -2.05 -15.56
C ALA B 106 -12.23 -0.70 -16.11
N PHE B 107 -11.41 0.34 -15.95
CA PHE B 107 -11.75 1.68 -16.46
C PHE B 107 -11.89 1.68 -17.98
N LEU B 108 -10.90 1.13 -18.68
CA LEU B 108 -10.89 1.07 -20.14
C LEU B 108 -11.94 0.11 -20.70
N SER B 109 -12.22 -0.98 -20.00
CA SER B 109 -13.19 -1.97 -20.49
C SER B 109 -14.64 -1.51 -20.37
N LEU B 110 -14.95 -0.69 -19.36
CA LEU B 110 -16.33 -0.30 -19.06
C LEU B 110 -16.73 1.05 -19.62
N ASN B 111 -15.81 1.73 -20.26
CA ASN B 111 -16.08 3.05 -20.80
C ASN B 111 -15.60 3.18 -22.25
N GLY B 112 -16.10 4.22 -22.92
CA GLY B 112 -15.72 4.58 -24.27
C GLY B 112 -14.27 5.03 -24.34
N LYS B 113 -13.74 5.19 -25.56
CA LYS B 113 -12.36 5.62 -25.86
C LYS B 113 -12.04 7.04 -25.36
N LEU B 114 -13.06 7.91 -25.17
CA LEU B 114 -12.86 9.32 -24.84
C LEU B 114 -13.54 9.76 -23.55
N CYS B 115 -12.96 10.79 -22.93
CA CYS B 115 -13.49 11.43 -21.72
C CYS B 115 -13.33 12.92 -21.86
N GLU B 116 -14.30 13.64 -21.28
CA GLU B 116 -14.33 15.08 -21.27
C GLU B 116 -13.07 15.59 -20.56
N ARG B 117 -12.24 16.39 -21.28
CA ARG B 117 -10.99 16.92 -20.73
C ARG B 117 -11.22 17.73 -19.43
N LYS B 118 -12.34 18.49 -19.33
CA LYS B 118 -12.76 19.31 -18.18
C LYS B 118 -12.78 18.45 -16.91
N LYS B 119 -13.51 17.31 -16.96
CA LYS B 119 -13.66 16.30 -15.91
C LYS B 119 -12.30 15.69 -15.53
N PHE B 120 -11.47 15.36 -16.52
CA PHE B 120 -10.15 14.78 -16.30
C PHE B 120 -9.28 15.77 -15.51
N LYS B 121 -9.30 17.05 -15.92
CA LYS B 121 -8.56 18.16 -15.33
C LYS B 121 -9.03 18.39 -13.88
N GLU B 122 -10.34 18.26 -13.61
CA GLU B 122 -10.91 18.40 -12.27
C GLU B 122 -10.37 17.29 -11.35
N VAL B 123 -10.41 16.03 -11.81
CA VAL B 123 -9.93 14.87 -11.06
C VAL B 123 -8.43 15.05 -10.74
N LEU B 124 -7.65 15.45 -11.75
CA LEU B 124 -6.23 15.70 -11.67
C LEU B 124 -5.88 16.79 -10.66
N GLU B 125 -6.65 17.88 -10.66
CA GLU B 125 -6.45 18.99 -9.72
C GLU B 125 -6.73 18.54 -8.28
N TYR B 126 -7.72 17.65 -8.09
CA TYR B 126 -8.07 17.09 -6.78
C TYR B 126 -6.94 16.17 -6.27
N VAL B 127 -6.42 15.27 -7.12
CA VAL B 127 -5.33 14.35 -6.81
C VAL B 127 -4.08 15.16 -6.35
N LYS B 128 -3.73 16.24 -7.10
CA LYS B 128 -2.58 17.10 -6.79
C LYS B 128 -2.75 17.81 -5.43
N ARG B 129 -3.97 18.34 -5.14
CA ARG B 129 -4.30 19.02 -3.88
C ARG B 129 -4.23 18.06 -2.70
N GLU B 130 -4.77 16.84 -2.86
CA GLU B 130 -4.73 15.78 -1.85
C GLU B 130 -3.30 15.33 -1.55
N TRP B 131 -2.41 15.30 -2.56
CA TRP B 131 -1.01 14.92 -2.35
C TRP B 131 -0.24 16.00 -1.57
N ILE B 132 -0.56 17.28 -1.79
CA ILE B 132 0.08 18.38 -1.08
C ILE B 132 -0.33 18.28 0.41
N GLU B 133 -1.61 18.08 0.67
CA GLU B 133 -2.21 17.91 1.98
C GLU B 133 -1.64 16.68 2.70
N PHE B 134 -1.47 15.55 1.96
CA PHE B 134 -0.89 14.33 2.50
C PHE B 134 0.56 14.59 2.97
N ARG B 135 1.37 15.22 2.09
CA ARG B 135 2.78 15.52 2.35
C ARG B 135 2.99 16.44 3.58
N LYS B 136 2.16 17.50 3.72
CA LYS B 136 2.20 18.41 4.87
C LYS B 136 1.95 17.64 6.18
N SER B 137 0.86 16.85 6.22
CA SER B 137 0.45 16.02 7.35
C SER B 137 1.58 15.02 7.77
N MET B 138 2.14 14.28 6.79
N MET B 138 2.16 14.30 6.81
CA MET B 138 3.22 13.29 6.90
CA MET B 138 3.19 13.29 7.06
C MET B 138 4.47 13.92 7.54
C MET B 138 4.50 13.91 7.55
N PHE B 139 4.79 15.16 7.14
CA PHE B 139 5.94 15.90 7.65
C PHE B 139 5.77 16.11 9.16
N ASP B 140 4.63 16.68 9.53
CA ASP B 140 4.27 17.04 10.91
C ASP B 140 4.16 15.81 11.81
N VAL B 141 3.46 14.76 11.33
CA VAL B 141 3.28 13.52 12.07
C VAL B 141 4.62 12.81 12.35
N TRP B 142 5.40 12.49 11.31
CA TRP B 142 6.63 11.73 11.43
C TRP B 142 7.75 12.53 12.04
N LYS B 143 7.75 13.88 11.86
CA LYS B 143 8.77 14.70 12.52
C LYS B 143 8.58 14.57 14.02
N GLU B 144 7.32 14.56 14.49
CA GLU B 144 7.02 14.45 15.93
C GLU B 144 7.23 13.04 16.47
N LYS B 145 6.85 12.01 15.70
CA LYS B 145 7.00 10.62 16.13
C LYS B 145 8.50 10.31 16.34
N LEU B 146 9.34 10.64 15.36
CA LEU B 146 10.77 10.36 15.43
C LEU B 146 11.49 11.28 16.38
N ALA B 147 11.06 12.55 16.52
CA ALA B 147 11.71 13.45 17.48
C ALA B 147 11.57 12.95 18.89
N SER B 148 10.36 12.53 19.29
CA SER B 148 10.10 12.03 20.64
C SER B 148 10.86 10.74 20.91
N GLU B 149 10.87 9.83 19.94
CA GLU B 149 11.55 8.53 20.01
C GLU B 149 13.09 8.72 20.15
N PHE B 150 13.67 9.62 19.35
CA PHE B 150 15.11 9.88 19.38
C PHE B 150 15.53 10.67 20.60
N ARG B 151 14.74 11.70 20.99
CA ARG B 151 15.01 12.54 22.17
C ARG B 151 15.00 11.69 23.42
N GLU B 152 14.04 10.76 23.52
CA GLU B 152 13.86 9.84 24.65
C GLU B 152 15.03 8.87 24.74
N HIS B 153 15.41 8.25 23.60
CA HIS B 153 16.52 7.31 23.54
C HIS B 153 17.84 8.02 23.88
N GLY B 154 17.96 9.27 23.46
CA GLY B 154 19.13 10.11 23.75
C GLY B 154 19.22 10.45 25.22
N GLU B 155 18.06 10.68 25.86
CA GLU B 155 18.00 10.96 27.31
C GLU B 155 18.42 9.68 28.11
N MET B 156 17.94 8.48 27.69
CA MET B 156 18.24 7.14 28.23
C MET B 156 19.75 6.86 28.13
N LEU B 157 20.40 7.22 27.00
CA LEU B 157 21.84 7.03 26.82
C LEU B 157 22.63 7.92 27.77
N ASN B 158 22.26 9.21 27.85
CA ASN B 158 22.93 10.18 28.73
C ASN B 158 22.89 9.70 30.19
N GLN B 159 21.74 9.09 30.61
CA GLN B 159 21.53 8.48 31.94
C GLN B 159 22.59 7.40 32.20
N LYS B 160 22.70 6.40 31.29
CA LYS B 160 23.68 5.29 31.38
C LYS B 160 25.13 5.84 31.34
N ARG B 161 25.37 6.92 30.57
CA ARG B 161 26.68 7.59 30.46
C ARG B 161 27.04 8.33 31.77
N LYS B 162 26.08 9.05 32.38
CA LYS B 162 26.25 9.80 33.64
C LYS B 162 26.54 8.84 34.81
N LEU B 163 25.90 7.66 34.80
CA LEU B 163 26.05 6.58 35.77
C LEU B 163 27.49 6.02 35.79
N LYS B 164 28.10 5.81 34.60
CA LYS B 164 29.47 5.30 34.45
C LYS B 164 30.51 6.37 34.82
CL CL C . -2.33 8.67 -8.06
CL CL D . 15.47 0.14 1.84
CL CL E . -8.33 5.03 -13.42
CL CL F . -9.27 -4.30 -7.93
CL CL G . 18.60 -12.09 16.10
C ACT H . -20.04 -3.89 5.07
O ACT H . -19.67 -4.33 6.18
OXT ACT H . -20.87 -4.46 4.33
CH3 ACT H . -19.44 -2.53 4.61
CL CL I . -14.75 7.67 -20.06
#